data_2D2V
#
_entry.id   2D2V
#
_cell.length_a   68.83
_cell.length_b   68.83
_cell.length_c   268.83
_cell.angle_alpha   90
_cell.angle_beta   90
_cell.angle_gamma   120
#
_symmetry.space_group_name_H-M   'P 65 2 2'
#
loop_
_entity.id
_entity.type
_entity.pdbx_description
1 polymer 'hypothetical protein slr0953'
2 branched alpha-D-glucopyranose-(1-4)-alpha-D-glucopyranose
3 non-polymer 'MAGNESIUM ION'
4 water water
#
_entity_poly.entity_id   1
_entity_poly.type   'polypeptide(L)'
_entity_poly.pdbx_seq_one_letter_code
;MRQLLLISDLDNTWVGDQQALEHLQEYLGDRRGNFYLAYATGRSYHSARELQKQVGLMEPDYWLTAVGSEIYHPEGLDQH
WADYLSEHWQRDILQAIADGFEALKPQSPLEQNPWKISYHLDPQACPTVIDQLTEMLKETGIPVQVIFSSGKDVDLLPQR
SNKGNATQYLQQHLAMEPSQTLVCGDSGNDIGLFETSARGVIVRNAQPELLHWYDQWGDSRHYRAQSSHAGAILEAIAHF
DFLS
;
_entity_poly.pdbx_strand_id   A
#
loop_
_chem_comp.id
_chem_comp.type
_chem_comp.name
_chem_comp.formula
GLC D-saccharide, alpha linking alpha-D-glucopyranose 'C6 H12 O6'
MG non-polymer 'MAGNESIUM ION' 'Mg 2'
#
# COMPACT_ATOMS: atom_id res chain seq x y z
N MET A 1 -16.99 14.39 2.54
CA MET A 1 -17.72 15.54 1.94
C MET A 1 -17.12 15.99 0.60
N ARG A 2 -16.09 15.29 0.15
CA ARG A 2 -15.48 15.63 -1.12
C ARG A 2 -15.90 14.59 -2.11
N GLN A 3 -15.65 14.80 -3.40
CA GLN A 3 -16.09 13.83 -4.39
C GLN A 3 -15.11 12.73 -4.68
N LEU A 4 -13.91 12.83 -4.13
CA LEU A 4 -12.91 11.80 -4.39
C LEU A 4 -11.95 11.57 -3.23
N LEU A 5 -11.67 10.30 -2.99
CA LEU A 5 -10.71 9.87 -1.97
C LEU A 5 -9.68 9.17 -2.84
N LEU A 6 -8.53 9.82 -3.01
CA LEU A 6 -7.44 9.31 -3.84
C LEU A 6 -6.35 8.68 -2.98
N ILE A 7 -6.15 7.38 -3.16
CA ILE A 7 -5.15 6.62 -2.41
C ILE A 7 -4.16 5.99 -3.39
N SER A 8 -2.87 6.24 -3.16
CA SER A 8 -1.85 5.73 -4.07
C SER A 8 -0.53 5.43 -3.38
N ASP A 9 0.18 4.45 -3.92
CA ASP A 9 1.49 4.10 -3.39
C ASP A 9 2.40 5.19 -3.97
N LEU A 10 3.63 5.29 -3.49
CA LEU A 10 4.51 6.34 -3.98
C LEU A 10 5.52 5.88 -5.04
N ASP A 11 6.52 5.10 -4.61
CA ASP A 11 7.58 4.63 -5.52
C ASP A 11 7.01 3.75 -6.67
N ASN A 12 7.27 4.23 -7.85
CA ASN A 12 6.90 3.66 -9.18
C ASN A 12 5.40 3.70 -9.44
N THR A 13 4.68 4.38 -8.59
CA THR A 13 3.27 4.58 -8.82
C THR A 13 3.00 6.09 -8.87
N TRP A 14 3.09 6.77 -7.74
CA TRP A 14 2.99 8.23 -7.80
C TRP A 14 4.33 8.79 -8.31
N VAL A 15 5.43 8.26 -7.75
CA VAL A 15 6.78 8.69 -8.11
C VAL A 15 7.46 7.77 -9.12
N GLY A 16 8.49 8.28 -9.79
CA GLY A 16 9.22 7.50 -10.79
C GLY A 16 9.37 8.19 -12.14
N ASP A 17 8.33 8.91 -12.56
CA ASP A 17 8.35 9.65 -13.81
C ASP A 17 8.11 11.10 -13.36
N GLN A 18 9.19 11.85 -13.19
CA GLN A 18 9.07 13.22 -12.71
C GLN A 18 8.11 14.09 -13.51
N GLN A 19 8.21 14.05 -14.84
CA GLN A 19 7.33 14.87 -15.66
C GLN A 19 5.85 14.54 -15.41
N ALA A 20 5.56 13.24 -15.36
CA ALA A 20 4.20 12.79 -15.13
C ALA A 20 3.77 13.19 -13.72
N LEU A 21 4.69 13.07 -12.76
CA LEU A 21 4.36 13.43 -11.40
C LEU A 21 3.97 14.91 -11.36
N GLU A 22 4.78 15.73 -12.02
CA GLU A 22 4.52 17.15 -12.03
C GLU A 22 3.21 17.54 -12.71
N HIS A 23 2.89 16.99 -13.88
CA HIS A 23 1.63 17.38 -14.48
C HIS A 23 0.43 16.77 -13.75
N LEU A 24 0.66 15.74 -12.94
CA LEU A 24 -0.44 15.15 -12.18
C LEU A 24 -0.73 16.08 -11.01
N GLN A 25 0.32 16.59 -10.38
CA GLN A 25 0.16 17.49 -9.26
C GLN A 25 -0.31 18.87 -9.72
N GLU A 26 -0.06 19.20 -10.98
CA GLU A 26 -0.53 20.49 -11.50
C GLU A 26 -2.04 20.40 -11.61
N TYR A 27 -2.52 19.35 -12.28
CA TYR A 27 -3.95 19.15 -12.46
C TYR A 27 -4.70 19.14 -11.12
N LEU A 28 -4.24 18.31 -10.20
CA LEU A 28 -4.88 18.17 -8.88
C LEU A 28 -4.75 19.46 -8.07
N GLY A 29 -3.63 20.17 -8.27
CA GLY A 29 -3.41 21.41 -7.56
C GLY A 29 -4.46 22.46 -7.88
N ASP A 30 -5.15 22.30 -9.01
CA ASP A 30 -6.18 23.26 -9.42
C ASP A 30 -7.57 22.94 -8.89
N ARG A 31 -7.69 21.89 -8.09
CA ARG A 31 -8.98 21.51 -7.54
C ARG A 31 -8.74 20.79 -6.22
N ARG A 32 -7.77 21.29 -5.45
CA ARG A 32 -7.40 20.64 -4.21
C ARG A 32 -8.51 20.41 -3.19
N GLY A 33 -9.55 21.23 -3.23
CA GLY A 33 -10.63 21.05 -2.27
C GLY A 33 -11.62 19.98 -2.63
N ASN A 34 -11.49 19.39 -3.82
CA ASN A 34 -12.42 18.35 -4.27
C ASN A 34 -12.01 16.92 -3.95
N PHE A 35 -10.92 16.73 -3.23
CA PHE A 35 -10.53 15.36 -2.93
C PHE A 35 -9.64 15.22 -1.71
N TYR A 36 -9.70 14.05 -1.07
CA TYR A 36 -8.85 13.77 0.07
C TYR A 36 -7.71 12.98 -0.55
N LEU A 37 -6.48 13.24 -0.12
CA LEU A 37 -5.34 12.52 -0.66
C LEU A 37 -4.67 11.68 0.41
N ALA A 38 -4.37 10.44 0.07
CA ALA A 38 -3.70 9.55 1.00
C ALA A 38 -2.63 8.73 0.30
N TYR A 39 -1.43 8.72 0.87
CA TYR A 39 -0.34 7.94 0.34
C TYR A 39 -0.32 6.64 1.14
N ALA A 40 -0.45 5.52 0.44
CA ALA A 40 -0.43 4.19 1.06
C ALA A 40 0.87 3.54 0.62
N THR A 41 1.95 3.80 1.37
CA THR A 41 3.27 3.30 1.03
C THR A 41 3.80 2.27 2.02
N GLY A 42 4.75 1.48 1.55
CA GLY A 42 5.36 0.48 2.41
C GLY A 42 6.42 1.12 3.28
N ARG A 43 6.85 2.33 2.89
CA ARG A 43 7.86 3.08 3.64
C ARG A 43 7.35 3.53 4.99
N SER A 44 8.28 3.82 5.90
CA SER A 44 7.93 4.33 7.22
C SER A 44 7.51 5.78 6.97
N TYR A 45 6.94 6.41 7.99
CA TYR A 45 6.51 7.80 7.86
C TYR A 45 7.71 8.71 7.56
N HIS A 46 8.80 8.51 8.30
CA HIS A 46 10.01 9.32 8.11
C HIS A 46 10.56 9.17 6.71
N SER A 47 10.62 7.93 6.21
CA SER A 47 11.14 7.69 4.88
C SER A 47 10.25 8.32 3.80
N ALA A 48 8.93 8.31 4.04
CA ALA A 48 7.99 8.90 3.09
C ALA A 48 8.20 10.42 3.05
N ARG A 49 8.34 11.02 4.22
CA ARG A 49 8.57 12.46 4.34
C ARG A 49 9.84 12.84 3.60
N GLU A 50 10.84 11.96 3.68
CA GLU A 50 12.11 12.21 3.03
C GLU A 50 11.90 12.21 1.51
N LEU A 51 11.11 11.24 1.03
CA LEU A 51 10.85 11.15 -0.40
C LEU A 51 10.15 12.43 -0.87
N GLN A 52 9.17 12.89 -0.11
CA GLN A 52 8.44 14.09 -0.43
C GLN A 52 9.39 15.26 -0.72
N LYS A 53 10.42 15.40 0.11
CA LYS A 53 11.40 16.48 -0.07
C LYS A 53 12.21 16.27 -1.33
N GLN A 54 12.55 15.03 -1.63
CA GLN A 54 13.34 14.73 -2.81
C GLN A 54 12.63 15.03 -4.13
N VAL A 55 11.40 14.55 -4.28
CA VAL A 55 10.65 14.74 -5.52
C VAL A 55 9.55 15.79 -5.48
N GLY A 56 9.39 16.43 -4.33
CA GLY A 56 8.36 17.45 -4.20
C GLY A 56 6.95 16.89 -4.22
N LEU A 57 6.67 15.94 -3.34
CA LEU A 57 5.34 15.33 -3.26
C LEU A 57 4.36 16.32 -2.63
N MET A 58 3.18 16.45 -3.22
CA MET A 58 2.20 17.37 -2.65
C MET A 58 1.71 16.82 -1.33
N GLU A 59 1.49 17.73 -0.38
CA GLU A 59 1.04 17.37 0.95
C GLU A 59 -0.29 16.63 0.90
N PRO A 60 -0.33 15.41 1.45
CA PRO A 60 -1.56 14.62 1.45
C PRO A 60 -2.35 14.87 2.73
N ASP A 61 -3.62 14.50 2.73
CA ASP A 61 -4.44 14.67 3.92
C ASP A 61 -4.10 13.60 4.95
N TYR A 62 -3.75 12.40 4.47
CA TYR A 62 -3.39 11.30 5.36
C TYR A 62 -2.21 10.51 4.83
N TRP A 63 -1.49 9.88 5.75
CA TRP A 63 -0.34 9.05 5.38
C TRP A 63 -0.60 7.63 5.89
N LEU A 64 -0.75 6.67 4.99
CA LEU A 64 -0.94 5.27 5.42
C LEU A 64 0.43 4.64 5.18
N THR A 65 1.27 4.63 6.22
CA THR A 65 2.63 4.11 6.09
C THR A 65 2.87 2.66 6.48
N ALA A 66 4.09 2.20 6.20
CA ALA A 66 4.51 0.83 6.49
C ALA A 66 3.44 -0.19 6.12
N VAL A 67 2.93 -0.08 4.90
CA VAL A 67 1.91 -0.99 4.40
C VAL A 67 0.62 -0.90 5.22
N GLY A 68 0.31 0.29 5.72
CA GLY A 68 -0.91 0.46 6.51
C GLY A 68 -0.81 0.03 7.96
N SER A 69 0.40 -0.18 8.47
CA SER A 69 0.52 -0.58 9.88
C SER A 69 0.47 0.67 10.77
N GLU A 70 0.63 1.82 10.17
CA GLU A 70 0.58 3.09 10.89
C GLU A 70 -0.17 4.11 10.04
N ILE A 71 -1.06 4.87 10.68
CA ILE A 71 -1.84 5.88 10.00
C ILE A 71 -1.61 7.25 10.63
N TYR A 72 -1.24 8.24 9.82
CA TYR A 72 -1.01 9.59 10.33
C TYR A 72 -2.06 10.58 9.86
N HIS A 73 -2.74 11.20 10.81
CA HIS A 73 -3.75 12.21 10.52
C HIS A 73 -3.00 13.54 10.49
N PRO A 74 -3.69 14.63 10.11
CA PRO A 74 -2.99 15.92 10.08
C PRO A 74 -2.44 16.18 11.49
N GLU A 75 -3.26 15.86 12.49
CA GLU A 75 -2.90 16.05 13.88
C GLU A 75 -1.92 15.02 14.46
N GLY A 76 -1.65 13.94 13.73
CA GLY A 76 -0.71 12.95 14.23
C GLY A 76 -1.08 11.48 14.09
N LEU A 77 -0.25 10.61 14.70
CA LEU A 77 -0.46 9.17 14.66
C LEU A 77 -1.83 8.77 15.19
N ASP A 78 -2.45 7.78 14.55
CA ASP A 78 -3.76 7.31 14.98
C ASP A 78 -3.55 6.22 16.03
N GLN A 79 -3.80 6.57 17.29
CA GLN A 79 -3.62 5.64 18.39
C GLN A 79 -4.72 4.58 18.44
N HIS A 80 -5.88 4.88 17.85
CA HIS A 80 -6.97 3.92 17.80
C HIS A 80 -6.56 2.78 16.89
N TRP A 81 -6.06 3.14 15.72
CA TRP A 81 -5.62 2.17 14.73
C TRP A 81 -4.55 1.27 15.32
N ALA A 82 -3.58 1.89 15.99
CA ALA A 82 -2.48 1.13 16.60
C ALA A 82 -2.96 0.13 17.66
N ASP A 83 -3.84 0.56 18.56
CA ASP A 83 -4.36 -0.32 19.60
C ASP A 83 -5.13 -1.45 18.93
N TYR A 84 -5.84 -1.10 17.86
CA TYR A 84 -6.63 -2.06 17.11
C TYR A 84 -5.73 -3.16 16.53
N LEU A 85 -4.63 -2.75 15.91
CA LEU A 85 -3.69 -3.71 15.31
C LEU A 85 -2.93 -4.51 16.37
N SER A 86 -2.85 -3.98 17.59
CA SER A 86 -2.14 -4.66 18.67
C SER A 86 -2.89 -5.84 19.29
N GLU A 87 -4.20 -5.88 19.09
CA GLU A 87 -5.00 -6.97 19.66
C GLU A 87 -4.60 -8.34 19.14
N HIS A 88 -4.19 -9.21 20.04
CA HIS A 88 -3.83 -10.56 19.67
C HIS A 88 -2.61 -10.71 18.77
N TRP A 89 -1.91 -9.60 18.54
CA TRP A 89 -0.71 -9.62 17.69
C TRP A 89 0.48 -10.09 18.54
N GLN A 90 1.25 -11.05 18.01
CA GLN A 90 2.40 -11.60 18.73
C GLN A 90 3.67 -11.44 17.91
N ARG A 91 4.21 -10.23 17.87
CA ARG A 91 5.40 -9.99 17.08
C ARG A 91 6.56 -10.93 17.34
N ASP A 92 6.96 -11.09 18.60
CA ASP A 92 8.09 -11.96 18.92
C ASP A 92 7.98 -13.39 18.38
N ILE A 93 6.83 -14.03 18.59
CA ILE A 93 6.64 -15.38 18.12
C ILE A 93 6.77 -15.46 16.60
N LEU A 94 6.07 -14.59 15.89
CA LEU A 94 6.13 -14.58 14.44
C LEU A 94 7.58 -14.38 13.97
N GLN A 95 8.26 -13.40 14.55
CA GLN A 95 9.64 -13.09 14.20
C GLN A 95 10.58 -14.28 14.40
N ALA A 96 10.38 -15.00 15.51
CA ALA A 96 11.23 -16.15 15.79
C ALA A 96 11.13 -17.17 14.65
N ILE A 97 9.91 -17.41 14.19
CA ILE A 97 9.66 -18.35 13.11
C ILE A 97 10.27 -17.87 11.80
N ALA A 98 9.94 -16.65 11.41
CA ALA A 98 10.47 -16.08 10.18
C ALA A 98 12.00 -16.08 10.20
N ASP A 99 12.58 -15.69 11.34
CA ASP A 99 14.04 -15.65 11.48
C ASP A 99 14.70 -16.99 11.20
N GLY A 100 13.94 -18.07 11.37
CA GLY A 100 14.48 -19.41 11.15
C GLY A 100 14.65 -19.87 9.71
N PHE A 101 14.16 -19.09 8.75
CA PHE A 101 14.30 -19.45 7.33
C PHE A 101 15.60 -18.94 6.74
N GLU A 102 16.47 -19.86 6.33
CA GLU A 102 17.76 -19.48 5.75
C GLU A 102 17.59 -18.53 4.56
N ALA A 103 16.53 -18.72 3.79
CA ALA A 103 16.29 -17.88 2.60
C ALA A 103 15.90 -16.46 2.93
N LEU A 104 15.54 -16.20 4.18
CA LEU A 104 15.14 -14.85 4.56
C LEU A 104 16.20 -14.12 5.38
N LYS A 105 16.38 -12.85 5.06
CA LYS A 105 17.33 -11.98 5.76
C LYS A 105 16.52 -10.79 6.26
N PRO A 106 16.70 -10.42 7.54
CA PRO A 106 15.94 -9.29 8.05
C PRO A 106 16.25 -8.02 7.28
N GLN A 107 15.29 -7.13 7.17
CA GLN A 107 15.54 -5.87 6.50
C GLN A 107 16.11 -5.00 7.63
N SER A 108 16.65 -3.84 7.30
CA SER A 108 17.22 -2.97 8.32
C SER A 108 16.24 -2.69 9.45
N PRO A 109 16.76 -2.39 10.64
CA PRO A 109 15.89 -2.11 11.78
C PRO A 109 14.91 -0.97 11.52
N LEU A 110 15.35 0.02 10.77
CA LEU A 110 14.51 1.18 10.45
C LEU A 110 13.31 0.85 9.54
N GLU A 111 13.22 -0.38 9.06
CA GLU A 111 12.08 -0.77 8.21
C GLU A 111 11.09 -1.54 9.06
N GLN A 112 11.45 -1.81 10.31
CA GLN A 112 10.59 -2.54 11.23
C GLN A 112 9.85 -1.57 12.16
N ASN A 113 8.73 -2.03 12.68
CA ASN A 113 7.93 -1.27 13.64
C ASN A 113 7.14 -2.32 14.44
N PRO A 114 6.40 -1.90 15.48
CA PRO A 114 5.64 -2.87 16.28
C PRO A 114 4.71 -3.83 15.52
N TRP A 115 4.20 -3.39 14.38
CA TRP A 115 3.27 -4.20 13.60
C TRP A 115 3.77 -4.59 12.22
N LYS A 116 5.09 -4.56 12.01
CA LYS A 116 5.67 -4.90 10.73
C LYS A 116 7.03 -5.57 10.88
N ILE A 117 7.13 -6.81 10.42
CA ILE A 117 8.36 -7.59 10.49
C ILE A 117 8.75 -7.83 9.03
N SER A 118 9.82 -7.20 8.57
CA SER A 118 10.21 -7.35 7.17
C SER A 118 11.53 -8.06 6.90
N TYR A 119 11.57 -8.77 5.78
CA TYR A 119 12.76 -9.50 5.38
C TYR A 119 12.94 -9.40 3.88
N HIS A 120 14.07 -9.89 3.41
CA HIS A 120 14.39 -9.92 1.99
C HIS A 120 14.55 -11.39 1.62
N LEU A 121 13.94 -11.78 0.50
CA LEU A 121 14.06 -13.15 0.04
C LEU A 121 15.32 -13.24 -0.82
N ASP A 122 16.13 -14.26 -0.55
CA ASP A 122 17.37 -14.51 -1.28
C ASP A 122 17.03 -14.67 -2.77
N PRO A 123 17.70 -13.90 -3.66
CA PRO A 123 17.46 -13.96 -5.11
C PRO A 123 17.72 -15.36 -5.71
N GLN A 124 18.46 -16.19 -4.98
CA GLN A 124 18.78 -17.55 -5.42
C GLN A 124 17.80 -18.56 -4.85
N ALA A 125 16.99 -18.15 -3.87
CA ALA A 125 16.03 -19.04 -3.24
C ALA A 125 14.77 -19.21 -4.07
N CYS A 126 14.08 -20.32 -3.87
CA CYS A 126 12.84 -20.61 -4.59
C CYS A 126 11.67 -19.94 -3.85
N PRO A 127 10.94 -19.05 -4.56
CA PRO A 127 9.79 -18.30 -4.06
C PRO A 127 8.75 -19.13 -3.31
N THR A 128 8.66 -20.41 -3.66
CA THR A 128 7.74 -21.31 -2.99
C THR A 128 7.96 -21.27 -1.48
N VAL A 129 9.15 -20.85 -1.06
CA VAL A 129 9.45 -20.78 0.36
C VAL A 129 8.46 -19.83 1.05
N ILE A 130 8.03 -18.79 0.33
CA ILE A 130 7.09 -17.84 0.88
C ILE A 130 5.81 -18.56 1.28
N ASP A 131 5.43 -19.58 0.51
CA ASP A 131 4.23 -20.37 0.81
C ASP A 131 4.43 -21.16 2.11
N GLN A 132 5.60 -21.79 2.24
CA GLN A 132 5.90 -22.56 3.43
C GLN A 132 5.84 -21.64 4.65
N LEU A 133 6.39 -20.43 4.50
CA LEU A 133 6.38 -19.45 5.57
C LEU A 133 4.95 -19.08 5.96
N THR A 134 4.14 -18.71 4.97
CA THR A 134 2.74 -18.33 5.20
C THR A 134 2.00 -19.41 5.97
N GLU A 135 2.04 -20.64 5.47
CA GLU A 135 1.38 -21.75 6.12
C GLU A 135 1.86 -21.92 7.56
N MET A 136 3.18 -21.90 7.76
CA MET A 136 3.75 -22.07 9.09
C MET A 136 3.34 -20.98 10.08
N LEU A 137 3.23 -19.74 9.59
CA LEU A 137 2.83 -18.63 10.44
C LEU A 137 1.35 -18.68 10.77
N LYS A 138 0.52 -18.92 9.75
CA LYS A 138 -0.92 -19.00 9.96
C LYS A 138 -1.26 -20.02 11.03
N GLU A 139 -0.60 -21.17 10.98
CA GLU A 139 -0.87 -22.24 11.93
C GLU A 139 -0.53 -21.95 13.38
N THR A 140 0.07 -20.80 13.65
CA THR A 140 0.38 -20.45 15.03
C THR A 140 -0.93 -19.94 15.64
N GLY A 141 -1.89 -19.65 14.76
CA GLY A 141 -3.18 -19.17 15.22
C GLY A 141 -3.19 -17.67 15.45
N ILE A 142 -2.03 -17.05 15.30
CA ILE A 142 -1.89 -15.61 15.48
C ILE A 142 -2.39 -14.96 14.20
N PRO A 143 -3.29 -13.98 14.30
CA PRO A 143 -3.80 -13.32 13.09
C PRO A 143 -2.69 -12.58 12.35
N VAL A 144 -2.01 -13.29 11.46
CA VAL A 144 -0.91 -12.75 10.69
C VAL A 144 -1.19 -12.76 9.19
N GLN A 145 -0.53 -11.85 8.49
CA GLN A 145 -0.69 -11.69 7.05
C GLN A 145 0.71 -11.63 6.43
N VAL A 146 0.91 -12.28 5.29
CA VAL A 146 2.22 -12.25 4.64
C VAL A 146 2.13 -11.50 3.32
N ILE A 147 2.93 -10.45 3.19
CA ILE A 147 2.92 -9.66 1.99
C ILE A 147 4.23 -9.81 1.23
N PHE A 148 4.12 -10.34 0.01
CA PHE A 148 5.28 -10.58 -0.84
C PHE A 148 5.23 -9.66 -2.04
N SER A 149 6.26 -8.85 -2.24
CA SER A 149 6.25 -7.95 -3.37
C SER A 149 7.61 -7.73 -4.01
N SER A 150 7.59 -7.49 -5.31
CA SER A 150 8.78 -7.24 -6.11
C SER A 150 9.75 -8.42 -6.10
N GLY A 151 9.24 -9.61 -5.86
CA GLY A 151 10.07 -10.80 -5.85
C GLY A 151 11.12 -10.84 -4.75
N LYS A 152 11.13 -9.86 -3.85
CA LYS A 152 12.13 -9.85 -2.78
C LYS A 152 11.63 -9.38 -1.41
N ASP A 153 10.68 -8.44 -1.40
CA ASP A 153 10.15 -7.88 -0.15
C ASP A 153 9.08 -8.72 0.53
N VAL A 154 9.30 -9.02 1.81
CA VAL A 154 8.36 -9.82 2.59
C VAL A 154 8.00 -9.07 3.87
N ASP A 155 6.71 -8.82 4.08
CA ASP A 155 6.26 -8.12 5.28
C ASP A 155 5.26 -8.96 6.06
N LEU A 156 5.50 -9.08 7.37
CA LEU A 156 4.58 -9.79 8.24
C LEU A 156 3.77 -8.68 8.94
N LEU A 157 2.45 -8.75 8.81
CA LEU A 157 1.57 -7.73 9.39
C LEU A 157 0.35 -8.37 10.04
N PRO A 158 -0.31 -7.65 10.94
CA PRO A 158 -1.49 -8.23 11.58
C PRO A 158 -2.53 -8.42 10.47
N GLN A 159 -3.49 -9.32 10.66
CA GLN A 159 -4.51 -9.50 9.63
C GLN A 159 -5.35 -8.26 9.43
N ARG A 160 -5.51 -7.48 10.48
CA ARG A 160 -6.31 -6.28 10.42
C ARG A 160 -5.63 -5.16 9.65
N SER A 161 -4.37 -5.36 9.29
CA SER A 161 -3.67 -4.33 8.57
C SER A 161 -3.62 -4.54 7.05
N ASN A 162 -2.64 -3.87 6.44
CA ASN A 162 -2.34 -3.81 5.01
C ASN A 162 -3.03 -2.59 4.40
N LYS A 163 -2.58 -2.16 3.23
CA LYS A 163 -3.13 -0.96 2.60
C LYS A 163 -4.64 -0.94 2.44
N GLY A 164 -5.21 -2.07 2.03
CA GLY A 164 -6.65 -2.16 1.85
C GLY A 164 -7.45 -1.95 3.13
N ASN A 165 -7.07 -2.63 4.20
CA ASN A 165 -7.79 -2.49 5.47
C ASN A 165 -7.66 -1.07 6.02
N ALA A 166 -6.49 -0.46 5.84
CA ALA A 166 -6.29 0.91 6.29
C ALA A 166 -7.19 1.82 5.47
N THR A 167 -7.32 1.51 4.18
CA THR A 167 -8.15 2.29 3.28
C THR A 167 -9.61 2.24 3.73
N GLN A 168 -10.14 1.04 3.95
CA GLN A 168 -11.52 0.89 4.38
C GLN A 168 -11.72 1.65 5.70
N TYR A 169 -10.73 1.57 6.58
CA TYR A 169 -10.78 2.27 7.85
C TYR A 169 -10.91 3.77 7.59
N LEU A 170 -10.09 4.27 6.67
CA LEU A 170 -10.11 5.68 6.33
C LEU A 170 -11.43 6.09 5.70
N GLN A 171 -11.95 5.26 4.80
CA GLN A 171 -13.21 5.54 4.14
C GLN A 171 -14.31 5.75 5.17
N GLN A 172 -14.35 4.87 6.17
CA GLN A 172 -15.37 4.97 7.20
C GLN A 172 -15.20 6.29 7.95
N HIS A 173 -13.95 6.58 8.33
CA HIS A 173 -13.62 7.79 9.06
C HIS A 173 -14.02 9.08 8.34
N LEU A 174 -13.97 9.08 7.01
CA LEU A 174 -14.30 10.25 6.23
C LEU A 174 -15.70 10.17 5.62
N ALA A 175 -16.38 9.04 5.86
CA ALA A 175 -17.71 8.86 5.29
C ALA A 175 -17.64 8.95 3.75
N MET A 176 -16.64 8.31 3.16
CA MET A 176 -16.49 8.30 1.71
C MET A 176 -16.88 6.91 1.21
N GLU A 177 -17.57 6.84 0.09
CA GLU A 177 -17.98 5.55 -0.45
C GLU A 177 -16.92 4.94 -1.36
N PRO A 178 -16.96 3.61 -1.54
CA PRO A 178 -15.99 2.93 -2.40
C PRO A 178 -16.08 3.50 -3.82
N SER A 179 -17.29 3.84 -4.24
CA SER A 179 -17.51 4.37 -5.57
C SER A 179 -16.85 5.74 -5.75
N GLN A 180 -16.45 6.35 -4.63
CA GLN A 180 -15.79 7.66 -4.67
C GLN A 180 -14.31 7.50 -4.34
N THR A 181 -13.84 6.26 -4.26
CA THR A 181 -12.45 5.99 -3.93
C THR A 181 -11.67 5.41 -5.09
N LEU A 182 -10.43 5.87 -5.26
CA LEU A 182 -9.57 5.38 -6.31
C LEU A 182 -8.23 4.96 -5.73
N VAL A 183 -7.91 3.67 -5.79
CA VAL A 183 -6.63 3.18 -5.30
C VAL A 183 -5.69 2.96 -6.48
N CYS A 184 -4.42 3.30 -6.27
CA CYS A 184 -3.41 3.17 -7.31
C CYS A 184 -2.23 2.39 -6.74
N GLY A 185 -1.77 1.39 -7.48
CA GLY A 185 -0.66 0.56 -7.02
C GLY A 185 0.18 -0.02 -8.13
N ASP A 186 1.27 -0.69 -7.76
CA ASP A 186 2.20 -1.27 -8.72
C ASP A 186 2.75 -2.65 -8.34
N SER A 187 2.55 -3.08 -7.10
CA SER A 187 3.09 -4.35 -6.66
C SER A 187 2.22 -5.15 -5.70
N GLY A 188 2.78 -6.24 -5.22
CA GLY A 188 2.06 -7.11 -4.31
C GLY A 188 1.62 -6.46 -3.01
N ASN A 189 2.31 -5.39 -2.59
CA ASN A 189 1.91 -4.75 -1.34
C ASN A 189 0.74 -3.79 -1.57
N ASP A 190 0.16 -3.86 -2.78
CA ASP A 190 -1.00 -3.05 -3.15
C ASP A 190 -2.22 -3.95 -3.36
N ILE A 191 -1.99 -5.25 -3.40
CA ILE A 191 -3.08 -6.21 -3.61
C ILE A 191 -4.20 -5.95 -2.61
N GLY A 192 -3.82 -5.62 -1.38
CA GLY A 192 -4.81 -5.33 -0.38
C GLY A 192 -5.75 -4.22 -0.83
N LEU A 193 -5.21 -3.23 -1.55
CA LEU A 193 -6.03 -2.13 -2.05
C LEU A 193 -7.05 -2.62 -3.06
N PHE A 194 -6.62 -3.49 -3.97
CA PHE A 194 -7.52 -4.01 -4.99
C PHE A 194 -8.51 -5.06 -4.52
N GLU A 195 -8.33 -5.56 -3.30
CA GLU A 195 -9.27 -6.56 -2.76
C GLU A 195 -10.44 -5.75 -2.20
N THR A 196 -10.25 -4.43 -2.17
CA THR A 196 -11.25 -3.48 -1.70
C THR A 196 -12.26 -3.23 -2.83
N SER A 197 -13.42 -2.69 -2.48
CA SER A 197 -14.45 -2.43 -3.48
C SER A 197 -14.34 -1.05 -4.13
N ALA A 198 -13.19 -0.41 -3.94
CA ALA A 198 -12.98 0.91 -4.52
C ALA A 198 -12.55 0.74 -5.96
N ARG A 199 -12.56 1.83 -6.71
CA ARG A 199 -12.12 1.78 -8.08
C ARG A 199 -10.61 1.69 -7.96
N GLY A 200 -9.98 0.88 -8.81
CA GLY A 200 -8.55 0.72 -8.74
C GLY A 200 -7.85 0.86 -10.08
N VAL A 201 -6.60 1.27 -10.05
CA VAL A 201 -5.81 1.42 -11.26
C VAL A 201 -4.44 0.79 -11.09
N ILE A 202 -4.10 -0.12 -11.99
CA ILE A 202 -2.81 -0.79 -11.96
C ILE A 202 -1.92 -0.08 -12.97
N VAL A 203 -0.80 0.48 -12.50
CA VAL A 203 0.10 1.19 -13.40
C VAL A 203 0.67 0.25 -14.46
N ARG A 204 1.08 0.81 -15.58
CA ARG A 204 1.63 0.01 -16.66
C ARG A 204 2.91 -0.73 -16.28
N ASN A 205 3.73 -0.10 -15.43
CA ASN A 205 4.99 -0.68 -14.99
C ASN A 205 4.81 -1.49 -13.73
N ALA A 206 3.64 -2.11 -13.59
CA ALA A 206 3.34 -2.90 -12.41
C ALA A 206 4.20 -4.15 -12.29
N GLN A 207 4.50 -4.56 -11.07
CA GLN A 207 5.31 -5.75 -10.83
C GLN A 207 4.56 -7.02 -11.26
N PRO A 208 5.31 -8.07 -11.67
CA PRO A 208 4.74 -9.35 -12.11
C PRO A 208 3.64 -9.90 -11.21
N GLU A 209 3.86 -9.84 -9.90
CA GLU A 209 2.87 -10.37 -8.98
C GLU A 209 1.52 -9.65 -9.06
N LEU A 210 1.52 -8.33 -9.19
CA LEU A 210 0.25 -7.61 -9.26
C LEU A 210 -0.50 -7.95 -10.55
N LEU A 211 0.22 -8.03 -11.66
CA LEU A 211 -0.39 -8.37 -12.94
C LEU A 211 -1.01 -9.76 -12.81
N HIS A 212 -0.25 -10.70 -12.28
CA HIS A 212 -0.77 -12.05 -12.10
C HIS A 212 -2.06 -12.01 -11.30
N TRP A 213 -2.07 -11.20 -10.24
CA TRP A 213 -3.25 -11.09 -9.40
C TRP A 213 -4.43 -10.62 -10.25
N TYR A 214 -4.19 -9.57 -11.03
CA TYR A 214 -5.24 -9.01 -11.88
C TYR A 214 -5.81 -10.05 -12.83
N ASP A 215 -4.95 -10.89 -13.39
CA ASP A 215 -5.39 -11.93 -14.32
C ASP A 215 -6.37 -12.89 -13.68
N GLN A 216 -6.24 -13.10 -12.38
CA GLN A 216 -7.12 -14.03 -11.68
C GLN A 216 -8.29 -13.37 -10.97
N TRP A 217 -8.07 -12.21 -10.37
CA TRP A 217 -9.14 -11.55 -9.65
C TRP A 217 -9.65 -10.26 -10.27
N GLY A 218 -9.08 -9.83 -11.39
CA GLY A 218 -9.52 -8.58 -11.99
C GLY A 218 -11.01 -8.46 -12.15
N ASP A 219 -11.60 -7.37 -11.67
CA ASP A 219 -13.03 -7.20 -11.85
C ASP A 219 -13.25 -5.95 -12.67
N SER A 220 -14.52 -5.56 -12.84
CA SER A 220 -14.86 -4.39 -13.64
C SER A 220 -14.43 -3.07 -12.98
N ARG A 221 -14.18 -3.10 -11.67
CA ARG A 221 -13.74 -1.90 -10.97
C ARG A 221 -12.20 -1.72 -11.08
N HIS A 222 -11.52 -2.71 -11.64
CA HIS A 222 -10.06 -2.65 -11.81
C HIS A 222 -9.64 -2.25 -13.22
N TYR A 223 -8.88 -1.17 -13.34
CA TYR A 223 -8.42 -0.68 -14.63
C TYR A 223 -6.92 -0.81 -14.84
N ARG A 224 -6.55 -1.46 -15.94
CA ARG A 224 -5.15 -1.67 -16.32
C ARG A 224 -4.76 -0.49 -17.22
N ALA A 225 -4.04 0.48 -16.64
CA ALA A 225 -3.65 1.67 -17.40
C ALA A 225 -2.58 1.43 -18.46
N GLN A 226 -2.63 2.24 -19.53
CA GLN A 226 -1.64 2.15 -20.59
C GLN A 226 -0.42 2.93 -20.11
N SER A 227 -0.67 3.99 -19.35
CA SER A 227 0.40 4.84 -18.84
C SER A 227 1.07 4.23 -17.63
N SER A 228 2.33 4.59 -17.41
CA SER A 228 3.08 4.12 -16.27
C SER A 228 3.23 5.28 -15.29
N HIS A 229 3.54 4.95 -14.04
CA HIS A 229 3.71 5.95 -12.99
C HIS A 229 2.55 6.91 -12.85
N ALA A 230 2.82 8.15 -12.45
CA ALA A 230 1.80 9.17 -12.24
C ALA A 230 0.79 9.29 -13.38
N GLY A 231 1.24 9.06 -14.62
CA GLY A 231 0.33 9.16 -15.75
C GLY A 231 -0.86 8.24 -15.63
N ALA A 232 -0.64 7.05 -15.07
CA ALA A 232 -1.71 6.08 -14.89
C ALA A 232 -2.81 6.62 -13.98
N ILE A 233 -2.44 7.49 -13.04
CA ILE A 233 -3.42 8.06 -12.12
C ILE A 233 -4.31 9.09 -12.83
N LEU A 234 -3.72 9.85 -13.76
CA LEU A 234 -4.49 10.81 -14.51
C LEU A 234 -5.41 10.05 -15.46
N GLU A 235 -4.85 9.02 -16.09
CA GLU A 235 -5.59 8.19 -17.02
C GLU A 235 -6.79 7.57 -16.31
N ALA A 236 -6.56 7.02 -15.11
CA ALA A 236 -7.63 6.41 -14.34
C ALA A 236 -8.72 7.41 -13.96
N ILE A 237 -8.31 8.60 -13.54
CA ILE A 237 -9.25 9.66 -13.15
C ILE A 237 -10.19 10.01 -14.30
N ALA A 238 -9.68 9.95 -15.52
CA ALA A 238 -10.48 10.26 -16.69
C ALA A 238 -11.37 9.05 -16.98
N HIS A 239 -10.80 7.86 -16.81
CA HIS A 239 -11.53 6.63 -17.04
C HIS A 239 -12.76 6.48 -16.15
N PHE A 240 -12.58 6.63 -14.84
CA PHE A 240 -13.71 6.49 -13.93
C PHE A 240 -14.49 7.80 -13.83
N ASP A 241 -14.12 8.76 -14.66
CA ASP A 241 -14.75 10.06 -14.68
C ASP A 241 -14.88 10.69 -13.28
N PHE A 242 -13.77 10.77 -12.56
CA PHE A 242 -13.77 11.38 -11.23
C PHE A 242 -13.50 12.86 -11.41
N LEU A 243 -13.87 13.66 -10.41
CA LEU A 243 -13.66 15.09 -10.48
C LEU A 243 -14.34 15.61 -11.74
N SER A 244 -15.52 15.07 -11.99
CA SER A 244 -16.32 15.41 -13.16
C SER A 244 -16.37 16.92 -13.35
C1 GLC B . 12.01 1.54 -2.86
C2 GLC B . 12.11 2.07 -1.41
C3 GLC B . 11.91 1.05 -0.25
C4 GLC B . 10.46 0.53 -0.55
C5 GLC B . 10.39 -0.10 -2.02
C6 GLC B . 9.01 -0.68 -2.59
O1 GLC B . 12.87 0.91 -3.05
O2 GLC B . 13.35 2.66 -1.21
O3 GLC B . 12.04 1.69 1.08
O4 GLC B . 10.11 -0.43 0.44
O5 GLC B . 10.75 0.86 -3.10
O6 GLC B . 8.05 0.42 -2.24
C1 GLC B . 8.94 -0.43 1.31
C2 GLC B . 9.37 -0.73 2.76
C3 GLC B . 9.96 -2.16 2.84
C4 GLC B . 8.78 -3.11 2.42
C5 GLC B . 8.40 -2.81 0.94
C6 GLC B . 7.25 -3.63 0.34
O2 GLC B . 10.29 0.31 3.09
O3 GLC B . 10.35 -2.37 4.17
O4 GLC B . 9.16 -4.42 2.47
O5 GLC B . 8.01 -1.41 0.80
O6 GLC B . 6.11 -3.49 1.14
MG MG C . 3.75 -1.09 -4.30
#